data_9D7J
#
_entry.id   9D7J
#
_cell.length_a   62.261
_cell.length_b   62.592
_cell.length_c   123.579
_cell.angle_alpha   90.000
_cell.angle_beta   90.000
_cell.angle_gamma   90.000
#
_symmetry.space_group_name_H-M   'P 21 21 21'
#
loop_
_entity.id
_entity.type
_entity.pdbx_description
1 polymer Oxidoreductase
2 non-polymer 'NADP NICOTINAMIDE-ADENINE-DINUCLEOTIDE PHOSPHATE'
3 non-polymer 1,2-ETHANEDIOL
4 water water
#
_entity_poly.entity_id   1
_entity_poly.type   'polypeptide(L)'
_entity_poly.pdbx_seq_one_letter_code
;(MSE)GSSHHHHHHSSGLVPRGSH(MSE)KEYKYTVITGASSGIGYEAAKAFAKRGKNLIIIARRREKLEELKKEILHYN
RSLKVIVKSIDLSITSNVYSLYDELKNYNIETLVNNAGFGDYSKVNNQNLEKVES(MSE)LSLNIEALVILSSLFVRDYE
KIEGTQLINISSAGGYTIVPNAVIYCATKFFVSSFTEGLARELIEAKSNLKAKVLAPAATETEFGKVASDVKEYDYQEKF
HKYHTSKQ(MSE)AEFLIKLYDNDYIVGKVDRNSFKFTLQNPIFDYA
;
_entity_poly.pdbx_strand_id   A,B
#
loop_
_chem_comp.id
_chem_comp.type
_chem_comp.name
_chem_comp.formula
EDO non-polymer 1,2-ETHANEDIOL 'C2 H6 O2'
NAP non-polymer 'NADP NICOTINAMIDE-ADENINE-DINUCLEOTIDE PHOSPHATE' 'C21 H28 N7 O17 P3'
#
# COMPACT_ATOMS: atom_id res chain seq x y z
N TYR A 24 -31.30 -5.37 -16.27
CA TYR A 24 -30.79 -6.23 -15.20
C TYR A 24 -29.57 -5.63 -14.54
N LYS A 25 -29.44 -5.84 -13.23
CA LYS A 25 -28.29 -5.42 -12.47
C LYS A 25 -27.42 -6.62 -12.11
N TYR A 26 -26.13 -6.37 -11.89
CA TYR A 26 -25.16 -7.43 -11.65
C TYR A 26 -24.32 -7.13 -10.42
N THR A 27 -23.95 -8.21 -9.74
CA THR A 27 -22.97 -8.17 -8.66
C THR A 27 -21.67 -8.76 -9.21
N VAL A 28 -20.60 -7.97 -9.17
CA VAL A 28 -19.31 -8.34 -9.73
C VAL A 28 -18.40 -8.77 -8.59
N ILE A 29 -17.82 -9.97 -8.70
CA ILE A 29 -16.96 -10.54 -7.66
C ILE A 29 -15.65 -10.97 -8.29
N THR A 30 -14.55 -10.34 -7.89
CA THR A 30 -13.24 -10.83 -8.28
C THR A 30 -12.77 -11.89 -7.30
N GLY A 31 -11.94 -12.80 -7.79
CA GLY A 31 -11.51 -13.93 -7.02
C GLY A 31 -12.66 -14.86 -6.68
N ALA A 32 -13.46 -15.21 -7.69
CA ALA A 32 -14.67 -16.00 -7.48
C ALA A 32 -14.46 -17.50 -7.65
N SER A 33 -13.26 -17.95 -8.01
CA SER A 33 -13.08 -19.36 -8.34
C SER A 33 -12.88 -20.25 -7.11
N SER A 34 -12.59 -19.67 -5.95
CA SER A 34 -12.39 -20.44 -4.73
C SER A 34 -12.56 -19.50 -3.55
N GLY A 35 -12.60 -20.08 -2.35
CA GLY A 35 -12.50 -19.30 -1.13
C GLY A 35 -13.71 -18.41 -0.87
N ILE A 36 -13.43 -17.24 -0.27
CA ILE A 36 -14.48 -16.30 0.10
C ILE A 36 -15.29 -15.87 -1.13
N GLY A 37 -14.60 -15.57 -2.22
CA GLY A 37 -15.30 -15.08 -3.40
C GLY A 37 -16.26 -16.10 -3.98
N TYR A 38 -15.84 -17.36 -4.00
CA TYR A 38 -16.70 -18.45 -4.45
C TYR A 38 -17.96 -18.54 -3.59
N GLU A 39 -17.79 -18.51 -2.27
CA GLU A 39 -18.96 -18.59 -1.39
C GLU A 39 -19.77 -17.31 -1.44
N ALA A 40 -19.13 -16.16 -1.66
CA ALA A 40 -19.87 -14.92 -1.83
C ALA A 40 -20.75 -14.97 -3.07
N ALA A 41 -20.23 -15.52 -4.16
CA ALA A 41 -21.05 -15.69 -5.36
C ALA A 41 -22.29 -16.53 -5.04
N LYS A 42 -22.12 -17.61 -4.29
CA LYS A 42 -23.27 -18.45 -3.96
C LYS A 42 -24.25 -17.69 -3.06
N ALA A 43 -23.73 -16.90 -2.12
CA ALA A 43 -24.59 -16.17 -1.19
C ALA A 43 -25.38 -15.08 -1.91
N PHE A 44 -24.75 -14.37 -2.83
CA PHE A 44 -25.49 -13.36 -3.59
C PHE A 44 -26.50 -14.03 -4.52
N ALA A 45 -26.13 -15.18 -5.11
CA ALA A 45 -27.08 -15.91 -5.94
C ALA A 45 -28.32 -16.31 -5.14
N LYS A 46 -28.13 -16.76 -3.90
CA LYS A 46 -29.28 -17.12 -3.07
C LYS A 46 -30.15 -15.91 -2.76
N ARG A 47 -29.60 -14.71 -2.85
CA ARG A 47 -30.36 -13.47 -2.73
C ARG A 47 -30.98 -13.03 -4.05
N GLY A 48 -30.83 -13.82 -5.11
CA GLY A 48 -31.44 -13.50 -6.37
C GLY A 48 -30.66 -12.53 -7.23
N LYS A 49 -29.35 -12.41 -7.02
CA LYS A 49 -28.53 -11.48 -7.77
C LYS A 49 -27.92 -12.15 -8.99
N ASN A 50 -27.95 -11.44 -10.12
CA ASN A 50 -27.14 -11.81 -11.27
C ASN A 50 -25.68 -11.52 -10.95
N LEU A 51 -24.78 -12.31 -11.54
CA LEU A 51 -23.38 -12.31 -11.12
C LEU A 51 -22.44 -12.21 -12.31
N ILE A 52 -21.34 -11.50 -12.10
CA ILE A 52 -20.17 -11.55 -12.98
C ILE A 52 -19.00 -12.05 -12.14
N ILE A 53 -18.47 -13.22 -12.49
CA ILE A 53 -17.49 -13.92 -11.66
C ILE A 53 -16.15 -13.96 -12.39
N ILE A 54 -15.11 -13.50 -11.71
CA ILE A 54 -13.83 -13.23 -12.32
C ILE A 54 -12.73 -13.90 -11.52
N ALA A 55 -11.82 -14.57 -12.23
CA ALA A 55 -10.63 -15.19 -11.64
C ALA A 55 -9.81 -15.73 -12.81
N ARG A 56 -8.67 -16.37 -12.54
CA ARG A 56 -7.90 -16.92 -13.65
C ARG A 56 -8.43 -18.28 -14.10
N ARG A 57 -8.90 -19.12 -13.17
CA ARG A 57 -9.21 -20.51 -13.49
C ARG A 57 -10.59 -20.59 -14.16
N ARG A 58 -10.59 -20.62 -15.49
CA ARG A 58 -11.84 -20.60 -16.24
C ARG A 58 -12.72 -21.80 -15.91
N GLU A 59 -12.13 -23.01 -15.83
CA GLU A 59 -12.94 -24.19 -15.58
C GLU A 59 -13.63 -24.13 -14.22
N LYS A 60 -12.95 -23.61 -13.20
CA LYS A 60 -13.56 -23.45 -11.88
C LYS A 60 -14.72 -22.47 -11.93
N LEU A 61 -14.57 -21.36 -12.66
CA LEU A 61 -15.66 -20.41 -12.79
C LEU A 61 -16.85 -21.04 -13.50
N GLU A 62 -16.60 -21.81 -14.56
CA GLU A 62 -17.69 -22.46 -15.26
C GLU A 62 -18.40 -23.47 -14.36
N GLU A 63 -17.63 -24.17 -13.53
CA GLU A 63 -18.22 -25.07 -12.53
C GLU A 63 -19.15 -24.31 -11.60
N LEU A 64 -18.67 -23.18 -11.06
CA LEU A 64 -19.50 -22.36 -10.19
C LEU A 64 -20.76 -21.89 -10.91
N LYS A 65 -20.63 -21.43 -12.15
CA LYS A 65 -21.80 -20.99 -12.91
C LYS A 65 -22.83 -22.11 -13.00
N LYS A 66 -22.39 -23.32 -13.32
CA LYS A 66 -23.31 -24.45 -13.42
C LYS A 66 -24.02 -24.70 -12.08
N GLU A 67 -23.28 -24.63 -10.98
CA GLU A 67 -23.90 -24.82 -9.67
C GLU A 67 -24.96 -23.75 -9.41
N ILE A 68 -24.66 -22.49 -9.73
CA ILE A 68 -25.59 -21.40 -9.48
C ILE A 68 -26.84 -21.55 -10.34
N LEU A 69 -26.67 -21.90 -11.61
CA LEU A 69 -27.83 -22.00 -12.50
C LEU A 69 -28.67 -23.24 -12.19
N HIS A 70 -28.05 -24.31 -11.72
CA HIS A 70 -28.82 -25.45 -11.25
C HIS A 70 -29.68 -25.07 -10.06
N TYR A 71 -29.21 -24.13 -9.24
CA TYR A 71 -29.97 -23.66 -8.10
C TYR A 71 -31.08 -22.71 -8.52
N ASN A 72 -30.77 -21.75 -9.39
CA ASN A 72 -31.76 -20.78 -9.87
C ASN A 72 -31.49 -20.54 -11.35
N ARG A 73 -32.25 -21.22 -12.20
CA ARG A 73 -32.08 -21.13 -13.64
C ARG A 73 -32.34 -19.73 -14.19
N SER A 74 -33.05 -18.89 -13.43
CA SER A 74 -33.42 -17.56 -13.92
C SER A 74 -32.29 -16.55 -13.85
N LEU A 75 -31.22 -16.86 -13.12
CA LEU A 75 -30.16 -15.90 -12.93
C LEU A 75 -29.26 -15.83 -14.17
N LYS A 76 -28.65 -14.67 -14.35
CA LYS A 76 -27.61 -14.49 -15.36
C LYS A 76 -26.26 -14.55 -14.66
N VAL A 77 -25.34 -15.33 -15.22
CA VAL A 77 -23.99 -15.49 -14.67
C VAL A 77 -23.00 -15.35 -15.81
N ILE A 78 -22.12 -14.36 -15.71
CA ILE A 78 -21.11 -14.06 -16.73
C ILE A 78 -19.75 -14.47 -16.17
N VAL A 79 -19.06 -15.34 -16.89
CA VAL A 79 -17.73 -15.79 -16.51
C VAL A 79 -16.70 -14.95 -17.26
N LYS A 80 -15.73 -14.42 -16.52
CA LYS A 80 -14.64 -13.62 -17.07
C LYS A 80 -13.33 -14.19 -16.51
N SER A 81 -12.63 -14.98 -17.30
CA SER A 81 -11.35 -15.53 -16.91
C SER A 81 -10.28 -14.50 -17.26
N ILE A 82 -9.57 -13.98 -16.26
CA ILE A 82 -8.58 -12.93 -16.52
C ILE A 82 -7.63 -12.81 -15.34
N ASP A 83 -6.37 -12.47 -15.67
CA ASP A 83 -5.30 -12.27 -14.68
C ASP A 83 -5.24 -10.79 -14.31
N LEU A 84 -5.72 -10.47 -13.11
CA LEU A 84 -5.79 -9.08 -12.67
C LEU A 84 -4.46 -8.56 -12.15
N SER A 85 -3.40 -9.37 -12.16
CA SER A 85 -2.09 -8.89 -11.75
C SER A 85 -1.37 -8.16 -12.88
N ILE A 86 -1.99 -8.10 -14.07
CA ILE A 86 -1.48 -7.36 -15.21
C ILE A 86 -2.33 -6.10 -15.35
N THR A 87 -1.70 -4.93 -15.25
CA THR A 87 -2.44 -3.68 -15.19
C THR A 87 -3.41 -3.53 -16.36
N SER A 88 -2.92 -3.78 -17.58
CA SER A 88 -3.78 -3.57 -18.75
C SER A 88 -5.02 -4.42 -18.68
N ASN A 89 -4.94 -5.61 -18.06
CA ASN A 89 -6.11 -6.47 -17.95
C ASN A 89 -7.15 -5.89 -17.02
N VAL A 90 -6.73 -5.10 -16.02
CA VAL A 90 -7.68 -4.50 -15.10
C VAL A 90 -8.54 -3.49 -15.84
N TYR A 91 -7.91 -2.61 -16.61
CA TYR A 91 -8.68 -1.63 -17.38
C TYR A 91 -9.53 -2.32 -18.45
N SER A 92 -9.00 -3.37 -19.09
CA SER A 92 -9.76 -4.03 -20.13
C SER A 92 -10.98 -4.74 -19.55
N LEU A 93 -10.82 -5.38 -18.39
CA LEU A 93 -11.98 -5.97 -17.72
C LEU A 93 -13.05 -4.90 -17.46
N TYR A 94 -12.64 -3.78 -16.87
CA TYR A 94 -13.65 -2.78 -16.52
C TYR A 94 -14.37 -2.29 -17.76
N ASP A 95 -13.64 -2.10 -18.86
CA ASP A 95 -14.32 -1.62 -20.07
C ASP A 95 -15.25 -2.68 -20.63
N GLU A 96 -14.93 -3.97 -20.49
CA GLU A 96 -15.86 -5.01 -20.90
C GLU A 96 -17.11 -5.01 -20.04
N LEU A 97 -17.01 -4.51 -18.80
CA LEU A 97 -18.16 -4.46 -17.91
C LEU A 97 -19.07 -3.27 -18.17
N LYS A 98 -18.69 -2.35 -19.07
CA LYS A 98 -19.51 -1.16 -19.30
C LYS A 98 -20.88 -1.48 -19.87
N ASN A 99 -21.06 -2.64 -20.49
CA ASN A 99 -22.35 -3.04 -21.02
C ASN A 99 -23.29 -3.58 -19.94
N TYR A 100 -22.87 -3.59 -18.69
CA TYR A 100 -23.67 -4.16 -17.61
C TYR A 100 -23.85 -3.11 -16.53
N ASN A 101 -25.05 -3.09 -15.96
CA ASN A 101 -25.34 -2.21 -14.83
C ASN A 101 -24.85 -2.90 -13.57
N ILE A 102 -23.78 -2.37 -12.97
CA ILE A 102 -23.16 -2.98 -11.78
C ILE A 102 -23.80 -2.39 -10.53
N GLU A 103 -24.46 -3.26 -9.76
CA GLU A 103 -25.04 -2.87 -8.47
C GLU A 103 -24.01 -2.95 -7.34
N THR A 104 -23.13 -3.94 -7.38
CA THR A 104 -22.19 -4.20 -6.30
C THR A 104 -20.90 -4.68 -6.91
N LEU A 105 -19.78 -4.12 -6.46
CA LEU A 105 -18.45 -4.59 -6.83
C LEU A 105 -17.75 -5.07 -5.57
N VAL A 106 -17.28 -6.31 -5.61
CA VAL A 106 -16.52 -6.89 -4.50
C VAL A 106 -15.11 -7.16 -5.00
N ASN A 107 -14.14 -6.39 -4.49
CA ASN A 107 -12.73 -6.62 -4.81
C ASN A 107 -12.18 -7.61 -3.79
N ASN A 108 -12.27 -8.88 -4.13
CA ASN A 108 -11.90 -9.97 -3.24
C ASN A 108 -10.63 -10.69 -3.68
N ALA A 109 -10.28 -10.66 -4.95
CA ALA A 109 -9.06 -11.32 -5.39
C ALA A 109 -7.87 -10.75 -4.62
N GLY A 110 -7.03 -11.65 -4.14
CA GLY A 110 -5.84 -11.24 -3.40
C GLY A 110 -5.05 -12.47 -3.03
N PHE A 111 -3.82 -12.23 -2.62
N PHE A 111 -3.84 -12.20 -2.53
CA PHE A 111 -3.08 -13.35 -2.06
CA PHE A 111 -2.76 -13.18 -2.40
C PHE A 111 -2.00 -12.85 -1.13
C PHE A 111 -1.87 -12.82 -1.22
N GLY A 112 -1.48 -13.82 -0.43
CA GLY A 112 -0.57 -13.57 0.68
C GLY A 112 0.61 -14.50 0.58
N ASP A 113 1.76 -13.99 0.95
CA ASP A 113 2.99 -14.74 0.99
C ASP A 113 3.65 -14.41 2.31
N TYR A 114 4.01 -15.44 3.05
CA TYR A 114 4.53 -15.30 4.40
C TYR A 114 5.99 -15.73 4.41
N SER A 115 6.83 -14.85 4.93
CA SER A 115 8.26 -14.98 4.81
C SER A 115 8.89 -13.86 5.62
N LYS A 116 10.11 -14.09 6.08
CA LYS A 116 10.95 -12.96 6.46
C LYS A 116 11.27 -12.16 5.20
N VAL A 117 11.41 -10.85 5.35
CA VAL A 117 11.71 -10.00 4.19
C VAL A 117 13.04 -10.38 3.56
N ASN A 118 14.04 -10.75 4.38
CA ASN A 118 15.40 -10.93 3.84
C ASN A 118 15.48 -12.02 2.76
N ASN A 119 14.60 -13.02 2.79
CA ASN A 119 14.69 -14.07 1.79
C ASN A 119 13.36 -14.27 1.04
N GLN A 120 12.52 -13.24 1.00
CA GLN A 120 11.23 -13.36 0.35
C GLN A 120 11.40 -13.34 -1.17
N ASN A 121 10.56 -14.11 -1.86
CA ASN A 121 10.53 -14.10 -3.33
C ASN A 121 9.92 -12.79 -3.80
N LEU A 122 10.75 -11.93 -4.41
CA LEU A 122 10.28 -10.60 -4.78
C LEU A 122 9.29 -10.64 -5.94
N GLU A 123 9.27 -11.70 -6.73
N GLU A 123 9.24 -11.72 -6.70
CA GLU A 123 8.23 -11.84 -7.73
CA GLU A 123 8.20 -11.83 -7.72
C GLU A 123 6.87 -12.04 -7.07
C GLU A 123 6.84 -12.08 -7.08
N LYS A 124 6.84 -12.80 -5.97
N LYS A 124 6.80 -12.78 -5.94
CA LYS A 124 5.60 -12.92 -5.21
CA LYS A 124 5.55 -12.92 -5.21
C LYS A 124 5.20 -11.57 -4.65
C LYS A 124 5.17 -11.60 -4.53
N VAL A 125 6.16 -10.80 -4.13
CA VAL A 125 5.87 -9.46 -3.64
C VAL A 125 5.23 -8.62 -4.75
N GLU A 126 5.83 -8.65 -5.94
N GLU A 126 5.82 -8.64 -5.94
CA GLU A 126 5.31 -7.87 -7.06
CA GLU A 126 5.23 -7.92 -7.06
C GLU A 126 3.87 -8.24 -7.37
C GLU A 126 3.78 -8.35 -7.28
N SER A 127 3.56 -9.54 -7.32
N SER A 127 3.51 -9.65 -7.18
CA SER A 127 2.19 -9.98 -7.64
CA SER A 127 2.15 -10.14 -7.34
C SER A 127 1.20 -9.56 -6.56
C SER A 127 1.21 -9.54 -6.29
N MSE A 128 1.63 -9.54 -5.30
N MSE A 128 1.62 -9.56 -5.03
CA MSE A 128 0.78 -9.05 -4.24
CA MSE A 128 0.80 -9.00 -3.97
C MSE A 128 0.47 -7.57 -4.43
C MSE A 128 0.50 -7.53 -4.26
O MSE A 128 -0.67 -7.15 -4.27
O MSE A 128 -0.61 -7.07 -4.04
CB MSE A 128 1.43 -9.20 -2.88
CB MSE A 128 1.47 -9.11 -2.60
CG MSE A 128 1.19 -10.54 -2.23
CG MSE A 128 1.48 -10.52 -2.03
SE MSE A 128 1.71 -10.55 -0.37
SE MSE A 128 2.00 -10.61 -0.15
CE MSE A 128 3.64 -10.28 -0.58
CE MSE A 128 3.93 -10.38 -0.33
H MSE A 128 2.40 -9.80 -5.04
H MSE A 128 2.37 -9.89 -4.76
HA MSE A 128 -0.04 -9.58 -4.25
HA MSE A 128 -0.02 -9.51 -3.93
HB2 MSE A 128 2.39 -9.10 -2.97
HB2 MSE A 128 2.38 -8.82 -2.67
HB3 MSE A 128 1.07 -8.52 -2.28
HB3 MSE A 128 0.97 -8.55 -1.97
HG2 MSE A 128 0.24 -10.75 -2.29
HG2 MSE A 128 0.59 -10.90 -2.11
HG3 MSE A 128 1.71 -11.21 -2.70
HG3 MSE A 128 2.12 -11.05 -2.53
HE1 MSE A 128 4.05 -10.27 0.30
HE1 MSE A 128 4.34 -10.39 0.54
HE2 MSE A 128 4.01 -11.02 -1.10
HE2 MSE A 128 4.28 -11.10 -0.88
HE3 MSE A 128 3.80 -9.44 -1.03
HE3 MSE A 128 4.11 -9.52 -0.77
N LEU A 129 1.51 -6.79 -4.74
CA LEU A 129 1.30 -5.37 -4.98
C LEU A 129 0.33 -5.15 -6.14
N SER A 130 0.49 -5.91 -7.22
CA SER A 130 -0.35 -5.72 -8.39
C SER A 130 -1.80 -6.10 -8.11
N LEU A 131 -2.01 -7.18 -7.36
CA LEU A 131 -3.35 -7.70 -7.16
C LEU A 131 -4.03 -7.08 -5.94
N ASN A 132 -3.34 -7.08 -4.81
CA ASN A 132 -3.97 -6.66 -3.57
C ASN A 132 -4.17 -5.16 -3.55
N ILE A 133 -3.26 -4.41 -4.17
CA ILE A 133 -3.32 -2.95 -4.19
C ILE A 133 -3.79 -2.42 -5.53
N GLU A 134 -3.03 -2.65 -6.60
N GLU A 134 -3.04 -2.68 -6.60
CA GLU A 134 -3.29 -1.94 -7.84
CA GLU A 134 -3.27 -1.96 -7.85
C GLU A 134 -4.64 -2.32 -8.45
C GLU A 134 -4.62 -2.32 -8.47
N ALA A 135 -4.91 -3.62 -8.61
CA ALA A 135 -6.18 -4.01 -9.22
C ALA A 135 -7.35 -3.48 -8.39
N LEU A 136 -7.25 -3.58 -7.07
CA LEU A 136 -8.32 -3.15 -6.18
C LEU A 136 -8.53 -1.63 -6.24
N VAL A 137 -7.44 -0.85 -6.23
CA VAL A 137 -7.63 0.60 -6.26
C VAL A 137 -8.13 1.07 -7.62
N ILE A 138 -7.65 0.46 -8.71
N ILE A 138 -7.68 0.45 -8.71
CA ILE A 138 -8.11 0.85 -10.05
CA ILE A 138 -8.13 0.88 -10.03
C ILE A 138 -9.60 0.53 -10.20
C ILE A 138 -9.60 0.52 -10.25
N LEU A 139 -9.99 -0.72 -9.94
CA LEU A 139 -11.38 -1.09 -10.11
C LEU A 139 -12.28 -0.28 -9.18
N SER A 140 -11.84 -0.06 -7.93
CA SER A 140 -12.61 0.78 -7.01
C SER A 140 -12.80 2.17 -7.59
N SER A 141 -11.71 2.77 -8.10
CA SER A 141 -11.76 4.16 -8.56
C SER A 141 -12.61 4.30 -9.83
N LEU A 142 -12.50 3.34 -10.76
CA LEU A 142 -13.34 3.39 -11.95
C LEU A 142 -14.81 3.25 -11.57
N PHE A 143 -15.12 2.32 -10.66
CA PHE A 143 -16.50 2.14 -10.19
C PHE A 143 -17.02 3.42 -9.54
N VAL A 144 -16.20 4.08 -8.71
CA VAL A 144 -16.63 5.33 -8.09
C VAL A 144 -16.90 6.39 -9.15
N ARG A 145 -15.98 6.51 -10.11
CA ARG A 145 -16.13 7.50 -11.17
C ARG A 145 -17.49 7.41 -11.86
N ASP A 146 -17.92 6.18 -12.17
CA ASP A 146 -19.12 5.98 -12.97
C ASP A 146 -20.39 5.79 -12.13
N TYR A 147 -20.28 5.29 -10.90
CA TYR A 147 -21.46 4.91 -10.16
C TYR A 147 -21.70 5.71 -8.88
N GLU A 148 -20.86 6.68 -8.56
CA GLU A 148 -21.00 7.42 -7.31
C GLU A 148 -22.43 7.90 -7.08
N LYS A 149 -23.12 8.31 -8.13
CA LYS A 149 -24.42 8.96 -7.96
C LYS A 149 -25.59 8.00 -8.19
N ILE A 150 -25.32 6.71 -8.35
CA ILE A 150 -26.35 5.73 -8.67
C ILE A 150 -26.87 5.11 -7.37
N GLU A 151 -28.18 5.23 -7.13
CA GLU A 151 -28.77 4.71 -5.90
C GLU A 151 -28.56 3.20 -5.78
N GLY A 152 -28.30 2.74 -4.57
CA GLY A 152 -28.25 1.34 -4.27
C GLY A 152 -26.93 0.66 -4.54
N THR A 153 -25.90 1.40 -4.93
CA THR A 153 -24.63 0.77 -5.29
C THR A 153 -23.75 0.59 -4.06
N GLN A 154 -22.97 -0.48 -4.07
CA GLN A 154 -22.03 -0.75 -2.99
C GLN A 154 -20.71 -1.26 -3.56
N LEU A 155 -19.63 -0.77 -2.96
CA LEU A 155 -18.28 -1.24 -3.19
C LEU A 155 -17.83 -1.91 -1.90
N ILE A 156 -17.42 -3.17 -1.98
CA ILE A 156 -16.94 -3.91 -0.83
C ILE A 156 -15.54 -4.40 -1.14
N ASN A 157 -14.56 -3.93 -0.38
CA ASN A 157 -13.18 -4.34 -0.54
C ASN A 157 -12.80 -5.29 0.58
N ILE A 158 -12.09 -6.35 0.24
CA ILE A 158 -11.69 -7.36 1.21
C ILE A 158 -10.27 -7.05 1.64
N SER A 159 -10.12 -6.65 2.90
CA SER A 159 -8.82 -6.42 3.50
C SER A 159 -8.45 -7.64 4.34
N SER A 160 -8.17 -7.43 5.62
CA SER A 160 -7.67 -8.46 6.52
C SER A 160 -7.62 -7.84 7.90
N ALA A 161 -7.77 -8.67 8.94
CA ALA A 161 -7.42 -8.18 10.27
C ALA A 161 -5.98 -7.72 10.31
N GLY A 162 -5.13 -8.27 9.44
CA GLY A 162 -3.76 -7.85 9.27
C GLY A 162 -3.58 -6.54 8.53
N GLY A 163 -4.67 -5.91 8.11
CA GLY A 163 -4.66 -4.55 7.63
C GLY A 163 -4.87 -3.53 8.71
N TYR A 164 -5.03 -4.00 9.96
CA TYR A 164 -5.12 -3.15 11.12
C TYR A 164 -4.13 -3.52 12.22
N THR A 165 -3.50 -4.70 12.13
CA THR A 165 -2.48 -5.14 13.06
C THR A 165 -1.37 -5.75 12.22
N ILE A 166 -0.13 -5.29 12.42
CA ILE A 166 1.00 -5.91 11.74
C ILE A 166 1.29 -7.26 12.37
N VAL A 167 1.52 -8.27 11.52
CA VAL A 167 1.66 -9.65 11.96
C VAL A 167 3.06 -10.14 11.59
N PRO A 168 3.85 -10.65 12.55
CA PRO A 168 5.18 -11.18 12.21
C PRO A 168 5.11 -12.21 11.09
N ASN A 169 6.13 -12.17 10.23
N ASN A 169 6.11 -12.17 10.22
CA ASN A 169 6.28 -13.03 9.06
CA ASN A 169 6.28 -13.06 9.08
C ASN A 169 5.29 -12.71 7.96
C ASN A 169 5.38 -12.64 7.91
N ALA A 170 4.60 -11.58 8.05
CA ALA A 170 3.66 -11.15 7.03
C ALA A 170 3.77 -9.65 6.80
N VAL A 171 4.99 -9.11 6.88
CA VAL A 171 5.17 -7.67 6.89
C VAL A 171 4.65 -7.05 5.59
N ILE A 172 5.07 -7.57 4.44
CA ILE A 172 4.65 -6.96 3.17
C ILE A 172 3.17 -7.20 2.92
N TYR A 173 2.69 -8.42 3.14
CA TYR A 173 1.26 -8.69 3.02
C TYR A 173 0.44 -7.74 3.89
N CYS A 174 0.80 -7.61 5.17
CA CYS A 174 0.07 -6.69 6.03
C CYS A 174 0.09 -5.28 5.48
N ALA A 175 1.23 -4.83 4.98
CA ALA A 175 1.28 -3.47 4.44
C ALA A 175 0.31 -3.31 3.28
N THR A 176 0.17 -4.34 2.43
CA THR A 176 -0.82 -4.23 1.35
C THR A 176 -2.23 -4.06 1.93
N LYS A 177 -2.50 -4.73 3.06
CA LYS A 177 -3.83 -4.67 3.65
C LYS A 177 -4.03 -3.40 4.46
N PHE A 178 -2.96 -2.82 5.02
CA PHE A 178 -3.06 -1.46 5.56
C PHE A 178 -3.44 -0.47 4.45
N PHE A 179 -2.87 -0.67 3.26
CA PHE A 179 -3.32 0.13 2.12
C PHE A 179 -4.81 -0.07 1.89
N VAL A 180 -5.26 -1.33 1.78
CA VAL A 180 -6.67 -1.57 1.46
C VAL A 180 -7.58 -0.93 2.50
N SER A 181 -7.27 -1.13 3.78
CA SER A 181 -8.13 -0.62 4.85
C SER A 181 -8.14 0.90 4.88
N SER A 182 -6.97 1.53 4.75
CA SER A 182 -6.92 2.99 4.81
C SER A 182 -7.54 3.61 3.56
N PHE A 183 -7.30 3.02 2.38
CA PHE A 183 -7.96 3.49 1.17
C PHE A 183 -9.47 3.41 1.32
N THR A 184 -9.96 2.25 1.78
CA THR A 184 -11.40 2.03 1.79
C THR A 184 -12.08 2.90 2.85
N GLU A 185 -11.48 3.03 4.04
CA GLU A 185 -12.04 3.94 5.04
C GLU A 185 -12.05 5.38 4.53
N GLY A 186 -10.92 5.81 3.95
CA GLY A 186 -10.87 7.16 3.41
C GLY A 186 -11.93 7.39 2.36
N LEU A 187 -12.11 6.42 1.45
CA LEU A 187 -13.09 6.57 0.38
C LEU A 187 -14.50 6.56 0.94
N ALA A 188 -14.78 5.66 1.88
CA ALA A 188 -16.11 5.59 2.48
C ALA A 188 -16.48 6.92 3.12
N ARG A 189 -15.53 7.54 3.83
CA ARG A 189 -15.79 8.82 4.49
C ARG A 189 -15.91 9.95 3.48
N GLU A 190 -15.13 9.89 2.40
CA GLU A 190 -15.26 10.87 1.32
C GLU A 190 -16.64 10.80 0.67
N LEU A 191 -17.13 9.59 0.43
CA LEU A 191 -18.45 9.42 -0.17
C LEU A 191 -19.54 9.96 0.73
N ILE A 192 -19.43 9.72 2.04
CA ILE A 192 -20.41 10.21 2.99
C ILE A 192 -20.39 11.73 3.03
N GLU A 193 -19.20 12.32 3.08
CA GLU A 193 -19.07 13.77 3.11
C GLU A 193 -19.68 14.39 1.86
N ALA A 194 -19.52 13.73 0.71
CA ALA A 194 -20.08 14.22 -0.54
C ALA A 194 -21.56 13.92 -0.71
N LYS A 195 -22.18 13.24 0.25
CA LYS A 195 -23.59 12.83 0.15
C LYS A 195 -23.82 11.98 -1.11
N SER A 196 -22.84 11.16 -1.45
CA SER A 196 -22.96 10.28 -2.60
C SER A 196 -23.92 9.13 -2.30
N ASN A 197 -24.52 8.58 -3.35
CA ASN A 197 -25.38 7.41 -3.15
C ASN A 197 -24.56 6.15 -2.93
N LEU A 198 -23.43 6.01 -3.63
CA LEU A 198 -22.58 4.84 -3.49
C LEU A 198 -22.00 4.75 -2.09
N LYS A 199 -21.99 3.53 -1.54
CA LYS A 199 -21.35 3.24 -0.26
C LYS A 199 -20.12 2.36 -0.48
N ALA A 200 -19.08 2.60 0.33
CA ALA A 200 -17.88 1.75 0.34
C ALA A 200 -17.71 1.14 1.71
N LYS A 201 -17.34 -0.14 1.74
CA LYS A 201 -17.20 -0.89 2.99
C LYS A 201 -16.00 -1.82 2.88
N VAL A 202 -15.44 -2.20 4.03
CA VAL A 202 -14.27 -3.06 4.08
C VAL A 202 -14.54 -4.25 4.99
N LEU A 203 -14.25 -5.45 4.49
CA LEU A 203 -14.31 -6.67 5.28
C LEU A 203 -12.89 -7.07 5.67
N ALA A 204 -12.68 -7.42 6.95
CA ALA A 204 -11.37 -7.76 7.49
C ALA A 204 -11.40 -9.14 8.13
N PRO A 205 -11.28 -10.19 7.34
CA PRO A 205 -11.19 -11.55 7.90
C PRO A 205 -9.92 -11.75 8.71
N ALA A 206 -10.01 -12.63 9.70
CA ALA A 206 -8.83 -13.16 10.37
C ALA A 206 -8.51 -14.52 9.76
N ALA A 207 -8.01 -15.46 10.54
CA ALA A 207 -7.66 -16.75 9.97
C ALA A 207 -8.88 -17.43 9.37
N THR A 208 -8.70 -17.98 8.17
CA THR A 208 -9.71 -18.82 7.55
C THR A 208 -9.07 -20.13 7.12
N GLU A 209 -9.91 -21.03 6.60
CA GLU A 209 -9.44 -22.34 6.17
C GLU A 209 -8.40 -22.26 5.06
N THR A 210 -8.36 -21.16 4.30
CA THR A 210 -7.38 -21.02 3.23
C THR A 210 -5.97 -20.75 3.75
N GLU A 211 -5.80 -20.56 5.06
CA GLU A 211 -4.47 -20.49 5.65
C GLU A 211 -4.07 -21.84 6.26
N GLN A 225 -3.39 -29.02 13.68
CA GLN A 225 -3.29 -27.57 13.60
C GLN A 225 -4.69 -26.94 13.65
N GLU A 226 -5.55 -27.38 12.75
CA GLU A 226 -6.94 -26.92 12.78
C GLU A 226 -7.64 -27.33 14.07
N LYS A 227 -7.17 -28.41 14.71
CA LYS A 227 -7.80 -28.87 15.93
C LYS A 227 -7.60 -27.90 17.08
N PHE A 228 -6.52 -27.15 17.07
CA PHE A 228 -6.15 -26.34 18.22
C PHE A 228 -6.32 -24.84 17.99
N HIS A 229 -6.67 -24.43 16.77
CA HIS A 229 -6.65 -23.03 16.40
C HIS A 229 -7.98 -22.62 15.80
N LYS A 230 -8.46 -21.44 16.20
CA LYS A 230 -9.72 -20.94 15.68
C LYS A 230 -9.53 -20.43 14.27
N TYR A 231 -10.58 -20.60 13.46
CA TYR A 231 -10.61 -20.05 12.11
C TYR A 231 -12.06 -20.04 11.65
N HIS A 232 -12.34 -19.22 10.65
CA HIS A 232 -13.62 -19.22 9.96
C HIS A 232 -13.51 -19.98 8.65
N THR A 233 -14.59 -20.66 8.27
CA THR A 233 -14.62 -21.21 6.92
C THR A 233 -14.91 -20.09 5.93
N SER A 234 -14.62 -20.35 4.66
CA SER A 234 -14.95 -19.39 3.61
C SER A 234 -16.45 -19.12 3.58
N LYS A 235 -17.27 -20.15 3.82
CA LYS A 235 -18.72 -19.95 3.87
C LYS A 235 -19.10 -18.99 5.01
N GLN A 236 -18.52 -19.18 6.18
CA GLN A 236 -18.80 -18.27 7.29
C GLN A 236 -18.37 -16.85 6.95
N MSE A 237 -17.23 -16.69 6.29
N MSE A 237 -17.25 -16.69 6.26
CA MSE A 237 -16.78 -15.35 5.91
CA MSE A 237 -16.79 -15.36 5.91
C MSE A 237 -17.75 -14.71 4.92
C MSE A 237 -17.69 -14.70 4.87
O MSE A 237 -18.04 -13.52 5.01
O MSE A 237 -17.86 -13.48 4.88
CB MSE A 237 -15.37 -15.39 5.30
CB MSE A 237 -15.35 -15.44 5.42
CG MSE A 237 -14.23 -15.60 6.28
CG MSE A 237 -14.67 -14.08 5.32
SE MSE A 237 -14.16 -14.41 7.84
SE MSE A 237 -14.83 -12.98 6.93
CE MSE A 237 -14.87 -12.75 7.10
CE MSE A 237 -14.31 -14.26 8.31
H MSE A 237 -16.71 -17.33 6.05
H MSE A 237 -16.76 -17.34 5.99
HA MSE A 237 -16.72 -14.82 6.72
HA MSE A 237 -16.80 -14.81 6.70
HB2 MSE A 237 -15.34 -16.11 4.66
HB2 MSE A 237 -14.83 -15.98 6.04
HB3 MSE A 237 -15.22 -14.54 4.86
HB3 MSE A 237 -15.33 -15.84 4.54
HG2 MSE A 237 -14.28 -16.51 6.62
HG2 MSE A 237 -13.74 -14.21 5.14
HG3 MSE A 237 -13.40 -15.48 5.80
HG3 MSE A 237 -15.09 -13.59 4.59
HE1 MSE A 237 -14.67 -12.03 7.71
HE1 MSE A 237 -14.57 -13.92 9.18
HE2 MSE A 237 -14.44 -12.59 6.24
HE2 MSE A 237 -14.77 -15.10 8.14
HE3 MSE A 237 -15.83 -12.84 6.98
HE3 MSE A 237 -13.35 -14.40 8.27
N ALA A 238 -18.26 -15.50 3.97
CA ALA A 238 -19.22 -14.95 3.01
C ALA A 238 -20.50 -14.51 3.73
N GLU A 239 -20.89 -15.25 4.77
CA GLU A 239 -22.04 -14.82 5.57
C GLU A 239 -21.76 -13.48 6.23
N PHE A 240 -20.54 -13.30 6.74
CA PHE A 240 -20.16 -12.01 7.32
C PHE A 240 -20.16 -10.92 6.26
N LEU A 241 -19.69 -11.26 5.04
CA LEU A 241 -19.75 -10.28 3.95
C LEU A 241 -21.19 -9.84 3.67
N ILE A 242 -22.13 -10.79 3.67
CA ILE A 242 -23.54 -10.42 3.47
C ILE A 242 -24.02 -9.53 4.61
N LYS A 243 -23.60 -9.83 5.84
CA LYS A 243 -23.98 -8.98 6.97
C LYS A 243 -23.46 -7.57 6.78
N LEU A 244 -22.20 -7.43 6.34
CA LEU A 244 -21.65 -6.12 6.05
C LEU A 244 -22.47 -5.40 4.97
N TYR A 245 -22.76 -6.11 3.88
CA TYR A 245 -23.59 -5.56 2.81
C TYR A 245 -24.94 -5.07 3.32
N ASP A 246 -25.57 -5.85 4.17
CA ASP A 246 -26.93 -5.53 4.60
C ASP A 246 -27.00 -4.41 5.63
N ASN A 247 -25.91 -4.08 6.29
CA ASN A 247 -25.94 -3.12 7.39
C ASN A 247 -25.24 -1.83 6.98
N ASP A 248 -25.28 -0.84 7.86
CA ASP A 248 -24.78 0.50 7.52
C ASP A 248 -23.52 0.87 8.30
N TYR A 249 -22.62 -0.08 8.44
CA TYR A 249 -21.31 0.14 9.01
C TYR A 249 -20.25 0.01 7.93
N ILE A 250 -19.18 0.79 8.06
CA ILE A 250 -18.12 0.78 7.06
C ILE A 250 -17.21 -0.43 7.22
N VAL A 251 -17.00 -0.91 8.44
CA VAL A 251 -16.01 -1.95 8.71
C VAL A 251 -16.70 -3.19 9.26
N GLY A 252 -16.39 -4.34 8.68
CA GLY A 252 -16.76 -5.61 9.27
C GLY A 252 -15.50 -6.39 9.57
N LYS A 253 -15.15 -6.54 10.84
CA LYS A 253 -13.83 -7.04 11.20
C LYS A 253 -13.94 -8.20 12.17
N VAL A 254 -13.10 -9.22 11.94
CA VAL A 254 -12.93 -10.32 12.89
C VAL A 254 -11.77 -9.96 13.82
N ASP A 255 -12.05 -9.97 15.13
CA ASP A 255 -10.98 -9.82 16.10
C ASP A 255 -10.03 -11.00 16.00
N ARG A 256 -8.74 -10.72 15.83
N ARG A 256 -8.74 -10.71 15.85
CA ARG A 256 -7.77 -11.78 15.60
CA ARG A 256 -7.74 -11.74 15.61
C ARG A 256 -7.59 -12.69 16.81
C ARG A 256 -7.54 -12.64 16.82
N ASN A 257 -7.98 -12.22 18.00
CA ASN A 257 -7.83 -13.01 19.21
C ASN A 257 -9.08 -13.80 19.55
N SER A 258 -10.24 -13.12 19.63
CA SER A 258 -11.47 -13.77 20.05
C SER A 258 -12.25 -14.38 18.90
N PHE A 259 -11.95 -13.97 17.67
CA PHE A 259 -12.64 -14.39 16.44
C PHE A 259 -14.09 -13.93 16.39
N LYS A 260 -14.46 -12.97 17.23
N LYS A 260 -14.46 -12.97 17.23
CA LYS A 260 -15.77 -12.35 17.11
CA LYS A 260 -15.77 -12.34 17.11
C LYS A 260 -15.79 -11.40 15.92
C LYS A 260 -15.79 -11.40 15.90
N PHE A 261 -16.85 -11.51 15.11
CA PHE A 261 -17.06 -10.61 14.00
C PHE A 261 -17.91 -9.43 14.48
N THR A 262 -17.44 -8.22 14.21
CA THR A 262 -18.11 -7.02 14.67
C THR A 262 -18.21 -6.02 13.52
N LEU A 263 -19.43 -5.50 13.31
CA LEU A 263 -19.65 -4.35 12.46
C LEU A 263 -19.30 -3.09 13.24
N GLN A 264 -18.52 -2.20 12.63
CA GLN A 264 -18.00 -1.07 13.39
C GLN A 264 -17.65 0.09 12.46
N ASN A 265 -17.40 1.23 13.07
CA ASN A 265 -17.05 2.43 12.36
C ASN A 265 -15.56 2.41 12.02
N PRO A 266 -15.12 3.32 11.15
CA PRO A 266 -13.71 3.32 10.75
C PRO A 266 -12.75 3.35 11.94
N ILE A 267 -11.62 2.66 11.78
CA ILE A 267 -10.66 2.47 12.86
C ILE A 267 -9.53 3.48 12.82
N PHE A 268 -9.06 3.88 11.64
CA PHE A 268 -7.86 4.69 11.58
C PHE A 268 -8.16 6.15 11.89
N ASP A 269 -7.13 6.85 12.39
N ASP A 269 -7.14 6.86 12.40
CA ASP A 269 -7.22 8.28 12.65
CA ASP A 269 -7.27 8.28 12.68
C ASP A 269 -7.52 9.04 11.36
C ASP A 269 -7.53 9.03 11.38
N TYR A 270 -8.29 10.13 11.49
CA TYR A 270 -8.79 10.87 10.34
C TYR A 270 -8.74 12.35 10.67
N ALA A 271 -8.25 13.16 9.73
CA ALA A 271 -8.06 14.58 9.97
C ALA A 271 -9.34 15.38 9.76
N TYR B 24 35.58 2.55 0.96
CA TYR B 24 34.59 3.55 0.56
C TYR B 24 33.18 3.04 0.80
N LYS B 25 32.43 3.75 1.63
CA LYS B 25 31.02 3.47 1.83
C LYS B 25 30.19 4.65 1.33
N TYR B 26 28.93 4.37 1.02
CA TYR B 26 28.07 5.33 0.35
C TYR B 26 26.70 5.41 1.01
N THR B 27 26.15 6.62 0.97
CA THR B 27 24.78 6.91 1.37
C THR B 27 23.99 7.12 0.08
N VAL B 28 22.97 6.30 -0.11
CA VAL B 28 22.19 6.28 -1.34
C VAL B 28 20.88 7.00 -1.06
N ILE B 29 20.55 8.01 -1.86
CA ILE B 29 19.37 8.85 -1.65
C ILE B 29 18.57 8.89 -2.93
N THR B 30 17.36 8.34 -2.91
CA THR B 30 16.47 8.50 -4.04
C THR B 30 15.68 9.79 -3.88
N GLY B 31 15.29 10.37 -5.02
CA GLY B 31 14.64 11.66 -4.97
C GLY B 31 15.57 12.78 -4.52
N ALA B 32 16.80 12.79 -5.04
CA ALA B 32 17.80 13.74 -4.57
C ALA B 32 17.86 15.04 -5.38
N SER B 33 17.05 15.19 -6.42
CA SER B 33 17.19 16.37 -7.27
C SER B 33 16.50 17.61 -6.71
N SER B 34 15.62 17.47 -5.71
CA SER B 34 14.95 18.61 -5.12
C SER B 34 14.43 18.22 -3.74
N GLY B 35 13.93 19.21 -3.01
CA GLY B 35 13.17 18.95 -1.79
C GLY B 35 14.01 18.31 -0.70
N ILE B 36 13.35 17.41 0.03
CA ILE B 36 14.00 16.80 1.20
C ILE B 36 15.24 16.03 0.78
N GLY B 37 15.16 15.30 -0.34
CA GLY B 37 16.27 14.46 -0.74
C GLY B 37 17.50 15.27 -1.10
N TYR B 38 17.29 16.41 -1.75
CA TYR B 38 18.36 17.35 -2.07
C TYR B 38 19.03 17.86 -0.81
N GLU B 39 18.23 18.31 0.16
CA GLU B 39 18.81 18.80 1.40
C GLU B 39 19.42 17.67 2.22
N ALA B 40 18.85 16.45 2.12
CA ALA B 40 19.45 15.32 2.82
C ALA B 40 20.84 15.01 2.27
N ALA B 41 20.98 15.07 0.94
CA ALA B 41 22.28 14.86 0.33
C ALA B 41 23.30 15.84 0.88
N LYS B 42 22.92 17.12 0.95
CA LYS B 42 23.83 18.12 1.48
C LYS B 42 24.16 17.83 2.94
N ALA B 43 23.17 17.40 3.73
CA ALA B 43 23.41 17.14 5.14
C ALA B 43 24.36 15.97 5.35
N PHE B 44 24.17 14.89 4.60
CA PHE B 44 25.08 13.76 4.72
C PHE B 44 26.48 14.12 4.20
N ALA B 45 26.57 14.95 3.17
CA ALA B 45 27.88 15.40 2.71
C ALA B 45 28.62 16.17 3.80
N LYS B 46 27.89 17.00 4.56
CA LYS B 46 28.50 17.71 5.68
C LYS B 46 29.00 16.75 6.76
N ARG B 47 28.43 15.56 6.83
CA ARG B 47 28.90 14.52 7.74
C ARG B 47 30.04 13.71 7.17
N GLY B 48 30.54 14.07 5.98
CA GLY B 48 31.66 13.39 5.38
C GLY B 48 31.31 12.14 4.60
N LYS B 49 30.05 11.98 4.20
CA LYS B 49 29.61 10.78 3.52
C LYS B 49 29.76 10.89 2.01
N ASN B 50 30.28 9.83 1.39
CA ASN B 50 30.12 9.69 -0.04
C ASN B 50 28.65 9.40 -0.36
N LEU B 51 28.23 9.77 -1.56
CA LEU B 51 26.82 9.78 -1.90
C LEU B 51 26.56 9.14 -3.26
N ILE B 52 25.41 8.48 -3.36
CA ILE B 52 24.84 8.08 -4.64
C ILE B 52 23.48 8.75 -4.71
N ILE B 53 23.31 9.66 -5.68
CA ILE B 53 22.13 10.52 -5.77
C ILE B 53 21.32 10.16 -7.01
N ILE B 54 20.03 9.89 -6.81
CA ILE B 54 19.17 9.29 -7.81
C ILE B 54 17.89 10.11 -7.97
N ALA B 55 17.50 10.35 -9.22
CA ALA B 55 16.26 11.02 -9.60
C ALA B 55 16.17 11.01 -11.12
N ARG B 56 15.12 11.56 -11.70
CA ARG B 56 15.05 11.61 -13.16
C ARG B 56 15.91 12.72 -13.76
N ARG B 57 15.95 13.88 -13.12
CA ARG B 57 16.57 15.06 -13.75
C ARG B 57 18.07 15.03 -13.55
N ARG B 58 18.79 14.53 -14.57
CA ARG B 58 20.23 14.38 -14.44
C ARG B 58 20.92 15.73 -14.21
N GLU B 59 20.46 16.78 -14.89
CA GLU B 59 21.12 18.07 -14.76
C GLU B 59 21.02 18.61 -13.33
N LYS B 60 19.87 18.36 -12.67
CA LYS B 60 19.73 18.80 -11.29
C LYS B 60 20.65 18.03 -10.36
N LEU B 61 20.79 16.72 -10.59
CA LEU B 61 21.72 15.92 -9.81
C LEU B 61 23.16 16.37 -10.04
N GLU B 62 23.50 16.73 -11.28
CA GLU B 62 24.85 17.22 -11.59
C GLU B 62 25.13 18.54 -10.87
N GLU B 63 24.14 19.43 -10.82
CA GLU B 63 24.30 20.68 -10.08
C GLU B 63 24.52 20.42 -8.59
N LEU B 64 23.75 19.50 -8.01
CA LEU B 64 23.92 19.14 -6.62
C LEU B 64 25.31 18.60 -6.36
N LYS B 65 25.79 17.71 -7.24
CA LYS B 65 27.13 17.19 -7.10
C LYS B 65 28.16 18.32 -7.04
N LYS B 66 28.02 19.29 -7.95
CA LYS B 66 29.00 20.39 -7.99
C LYS B 66 28.93 21.21 -6.71
N GLU B 67 27.72 21.42 -6.18
CA GLU B 67 27.59 22.15 -4.93
C GLU B 67 28.26 21.39 -3.78
N ILE B 68 28.10 20.07 -3.77
CA ILE B 68 28.70 19.26 -2.71
C ILE B 68 30.22 19.30 -2.79
N LEU B 69 30.78 19.15 -3.99
CA LEU B 69 32.23 19.09 -4.12
C LEU B 69 32.88 20.46 -3.90
N HIS B 70 32.13 21.54 -4.15
CA HIS B 70 32.63 22.87 -3.79
C HIS B 70 32.87 22.96 -2.28
N TYR B 71 32.06 22.25 -1.49
CA TYR B 71 32.20 22.25 -0.04
C TYR B 71 33.27 21.26 0.42
N ASN B 72 33.29 20.06 -0.14
CA ASN B 72 34.26 19.04 0.25
C ASN B 72 34.69 18.29 -1.02
N ARG B 73 35.80 18.74 -1.59
CA ARG B 73 36.31 18.19 -2.84
C ARG B 73 36.71 16.73 -2.74
N SER B 74 36.83 16.16 -1.55
CA SER B 74 37.32 14.80 -1.42
C SER B 74 36.22 13.75 -1.44
N LEU B 75 34.95 14.16 -1.45
CA LEU B 75 33.85 13.22 -1.42
C LEU B 75 33.63 12.60 -2.80
N LYS B 76 33.16 11.35 -2.79
CA LYS B 76 32.74 10.66 -4.00
C LYS B 76 31.23 10.79 -4.09
N VAL B 77 30.75 11.34 -5.21
CA VAL B 77 29.32 11.55 -5.46
C VAL B 77 29.01 10.93 -6.81
N ILE B 78 28.13 9.94 -6.83
CA ILE B 78 27.76 9.21 -8.04
C ILE B 78 26.35 9.62 -8.42
N VAL B 79 26.19 10.10 -9.65
CA VAL B 79 24.90 10.53 -10.18
C VAL B 79 24.28 9.38 -10.96
N LYS B 80 23.03 9.04 -10.63
CA LYS B 80 22.25 8.04 -11.38
C LYS B 80 20.88 8.61 -11.70
N SER B 81 20.71 8.98 -12.97
CA SER B 81 19.43 9.47 -13.48
C SER B 81 18.61 8.28 -13.95
N ILE B 82 17.46 8.05 -13.30
CA ILE B 82 16.64 6.90 -13.65
C ILE B 82 15.23 7.15 -13.13
N ASP B 83 14.25 6.62 -13.87
CA ASP B 83 12.84 6.72 -13.53
C ASP B 83 12.45 5.48 -12.74
N LEU B 84 12.23 5.66 -11.44
CA LEU B 84 11.95 4.56 -10.52
C LEU B 84 10.48 4.15 -10.55
N SER B 85 9.65 4.79 -11.36
CA SER B 85 8.26 4.36 -11.51
C SER B 85 8.13 3.18 -12.47
N ILE B 86 9.24 2.74 -13.06
CA ILE B 86 9.27 1.61 -13.97
C ILE B 86 9.96 0.46 -13.23
N THR B 87 9.22 -0.63 -13.01
CA THR B 87 9.71 -1.73 -12.18
C THR B 87 11.09 -2.22 -12.61
N SER B 88 11.27 -2.49 -13.91
CA SER B 88 12.54 -3.05 -14.35
C SER B 88 13.70 -2.12 -14.05
N ASN B 89 13.45 -0.80 -14.03
CA ASN B 89 14.52 0.14 -13.69
C ASN B 89 14.94 0.03 -12.24
N VAL B 90 14.00 -0.30 -11.34
CA VAL B 90 14.36 -0.42 -9.93
C VAL B 90 15.36 -1.55 -9.75
N TYR B 91 15.09 -2.70 -10.39
CA TYR B 91 16.01 -3.83 -10.27
C TYR B 91 17.32 -3.52 -10.98
N SER B 92 17.26 -2.83 -12.12
CA SER B 92 18.50 -2.50 -12.83
C SER B 92 19.35 -1.56 -11.99
N LEU B 93 18.72 -0.58 -11.34
CA LEU B 93 19.45 0.31 -10.45
C LEU B 93 20.12 -0.46 -9.32
N TYR B 94 19.37 -1.36 -8.65
CA TYR B 94 19.98 -2.07 -7.53
C TYR B 94 21.18 -2.90 -8.00
N ASP B 95 21.08 -3.49 -9.19
CA ASP B 95 22.24 -4.22 -9.71
C ASP B 95 23.46 -3.33 -9.84
N GLU B 96 23.28 -2.09 -10.32
CA GLU B 96 24.41 -1.17 -10.39
C GLU B 96 24.92 -0.83 -9.00
N LEU B 97 24.02 -0.72 -8.03
CA LEU B 97 24.44 -0.39 -6.67
C LEU B 97 25.28 -1.48 -6.04
N LYS B 98 25.21 -2.71 -6.55
CA LYS B 98 26.05 -3.78 -6.03
C LYS B 98 27.54 -3.46 -6.19
N ASN B 99 27.89 -2.51 -7.06
CA ASN B 99 29.29 -2.13 -7.21
C ASN B 99 29.81 -1.32 -6.01
N TYR B 100 28.96 -0.98 -5.04
CA TYR B 100 29.32 -0.04 -3.99
C TYR B 100 28.89 -0.60 -2.64
N ASN B 101 29.68 -0.30 -1.62
CA ASN B 101 29.32 -0.66 -0.25
C ASN B 101 28.35 0.38 0.28
N ILE B 102 27.08 0.02 0.41
CA ILE B 102 26.03 0.94 0.87
C ILE B 102 25.94 0.91 2.38
N GLU B 103 26.21 2.06 3.01
CA GLU B 103 26.03 2.22 4.45
C GLU B 103 24.59 2.59 4.81
N THR B 104 23.94 3.40 3.97
CA THR B 104 22.63 3.96 4.27
C THR B 104 21.84 4.05 2.96
N LEU B 105 20.60 3.58 2.98
CA LEU B 105 19.68 3.75 1.86
C LEU B 105 18.49 4.58 2.33
N VAL B 106 18.22 5.68 1.64
CA VAL B 106 17.10 6.57 1.95
C VAL B 106 16.13 6.51 0.78
N ASN B 107 14.96 5.89 0.99
CA ASN B 107 13.92 5.84 -0.03
C ASN B 107 13.02 7.06 0.15
N ASN B 108 13.37 8.12 -0.57
CA ASN B 108 12.71 9.41 -0.43
C ASN B 108 11.92 9.81 -1.66
N ALA B 109 12.24 9.30 -2.84
CA ALA B 109 11.45 9.62 -4.01
C ALA B 109 9.99 9.24 -3.79
N GLY B 110 9.11 10.16 -4.13
CA GLY B 110 7.70 9.96 -3.92
C GLY B 110 6.98 11.18 -4.44
N PHE B 111 5.67 11.02 -4.64
N PHE B 111 5.65 11.05 -4.55
CA PHE B 111 4.88 12.19 -4.96
CA PHE B 111 4.80 12.01 -5.26
C PHE B 111 3.44 11.97 -4.52
C PHE B 111 3.38 11.91 -4.71
N GLY B 112 2.72 13.07 -4.55
CA GLY B 112 1.37 13.11 -4.06
C GLY B 112 0.48 13.78 -5.08
N ASP B 113 -0.80 13.43 -5.03
CA ASP B 113 -1.81 14.02 -5.87
C ASP B 113 -3.05 14.16 -5.01
N TYR B 114 -3.62 15.35 -4.99
CA TYR B 114 -4.77 15.67 -4.15
C TYR B 114 -5.99 15.85 -5.04
N SER B 115 -7.02 15.05 -4.78
CA SER B 115 -8.22 15.04 -5.58
C SER B 115 -9.24 14.20 -4.84
N LYS B 116 -10.51 14.41 -5.19
CA LYS B 116 -11.52 13.40 -4.90
C LYS B 116 -11.26 12.19 -5.79
N VAL B 117 -11.60 11.01 -5.28
CA VAL B 117 -11.35 9.78 -6.03
C VAL B 117 -12.14 9.78 -7.33
N ASN B 118 -13.36 10.32 -7.33
CA ASN B 118 -14.25 10.16 -8.47
C ASN B 118 -13.71 10.79 -9.75
N ASN B 119 -12.83 11.78 -9.66
CA ASN B 119 -12.31 12.39 -10.88
C ASN B 119 -10.79 12.44 -10.89
N GLN B 120 -10.15 11.53 -10.14
CA GLN B 120 -8.70 11.54 -10.03
C GLN B 120 -8.07 10.97 -11.30
N ASN B 121 -6.94 11.55 -11.68
CA ASN B 121 -6.17 11.05 -12.81
C ASN B 121 -5.55 9.71 -12.45
N LEU B 122 -6.03 8.64 -13.10
CA LEU B 122 -5.57 7.31 -12.72
C LEU B 122 -4.16 7.02 -13.24
N GLU B 123 -3.70 7.75 -14.26
CA GLU B 123 -2.29 7.69 -14.63
C GLU B 123 -1.42 8.16 -13.48
N LYS B 124 -1.80 9.28 -12.85
N LYS B 124 -1.81 9.26 -12.83
CA LYS B 124 -1.08 9.75 -11.67
CA LYS B 124 -1.06 9.75 -11.66
C LYS B 124 -1.14 8.70 -10.55
C LYS B 124 -1.19 8.80 -10.48
N VAL B 125 -2.31 8.09 -10.37
CA VAL B 125 -2.44 7.08 -9.33
C VAL B 125 -1.46 5.94 -9.58
N GLU B 126 -1.40 5.45 -10.82
N GLU B 126 -1.40 5.46 -10.82
CA GLU B 126 -0.46 4.37 -11.13
CA GLU B 126 -0.44 4.41 -11.17
C GLU B 126 0.96 4.77 -10.79
C GLU B 126 0.98 4.85 -10.82
N SER B 127 1.35 6.00 -11.14
N SER B 127 1.29 6.13 -11.02
CA SER B 127 2.71 6.44 -10.86
CA SER B 127 2.62 6.62 -10.71
C SER B 127 2.99 6.51 -9.36
C SER B 127 2.88 6.64 -9.21
N MSE B 128 2.00 6.96 -8.58
N MSE B 128 1.89 7.05 -8.42
CA MSE B 128 2.13 7.01 -7.13
CA MSE B 128 2.01 7.04 -6.97
C MSE B 128 2.34 5.61 -6.57
C MSE B 128 2.27 5.62 -6.48
O MSE B 128 3.20 5.41 -5.71
O MSE B 128 3.13 5.40 -5.63
CB MSE B 128 0.88 7.60 -6.48
CB MSE B 128 0.73 7.54 -6.30
CG MSE B 128 0.85 9.11 -6.40
CG MSE B 128 0.57 9.04 -6.25
SE MSE B 128 -0.40 9.82 -5.08
SE MSE B 128 -0.70 9.63 -4.89
CE MSE B 128 -2.07 9.12 -5.77
CE MSE B 128 -2.38 9.30 -5.82
H MSE B 128 1.25 7.25 -8.88
H MSE B 128 1.13 7.34 -8.70
HA MSE B 128 2.88 7.58 -6.92
HA MSE B 128 2.73 7.65 -6.72
HB2 MSE B 128 0.10 7.32 -6.99
HB2 MSE B 128 -0.03 7.18 -6.78
HB3 MSE B 128 0.81 7.26 -5.57
HB3 MSE B 128 0.72 7.22 -5.38
HG2 MSE B 128 1.74 9.43 -6.18
HG2 MSE B 128 1.43 9.45 -6.06
HG3 MSE B 128 0.59 9.45 -7.28
HG3 MSE B 128 0.24 9.35 -7.11
HE1 MSE B 128 -2.80 9.39 -5.18
HE1 MSE B 128 -3.12 9.53 -5.24
HE2 MSE B 128 -2.23 9.47 -6.66
HE2 MSE B 128 -2.42 9.85 -6.63
HE3 MSE B 128 -2.02 8.14 -5.80
HE3 MSE B 128 -2.43 8.36 -6.07
N LEU B 129 1.53 4.66 -7.03
CA LEU B 129 1.69 3.28 -6.57
C LEU B 129 3.07 2.76 -6.93
N SER B 130 3.51 3.02 -8.16
CA SER B 130 4.78 2.47 -8.61
C SER B 130 5.96 3.06 -7.86
N LEU B 131 5.90 4.34 -7.55
CA LEU B 131 7.02 5.03 -6.92
C LEU B 131 6.94 4.96 -5.40
N ASN B 132 5.79 5.35 -4.84
CA ASN B 132 5.70 5.47 -3.39
C ASN B 132 5.72 4.11 -2.71
N ILE B 133 5.18 3.08 -3.39
CA ILE B 133 5.08 1.73 -2.84
C ILE B 133 6.10 0.79 -3.48
N GLU B 134 6.00 0.55 -4.78
CA GLU B 134 6.75 -0.55 -5.37
C GLU B 134 8.25 -0.29 -5.36
N ALA B 135 8.69 0.89 -5.78
CA ALA B 135 10.13 1.16 -5.79
C ALA B 135 10.70 1.09 -4.38
N LEU B 136 9.98 1.67 -3.43
CA LEU B 136 10.42 1.69 -2.04
C LEU B 136 10.50 0.28 -1.45
N VAL B 137 9.48 -0.54 -1.69
CA VAL B 137 9.49 -1.87 -1.07
C VAL B 137 10.55 -2.75 -1.72
N ILE B 138 10.76 -2.60 -3.03
N ILE B 138 10.72 -2.63 -3.04
CA ILE B 138 11.72 -3.47 -3.71
CA ILE B 138 11.72 -3.43 -3.75
C ILE B 138 13.16 -3.07 -3.36
C ILE B 138 13.12 -3.06 -3.29
N LEU B 139 13.46 -1.77 -3.32
CA LEU B 139 14.80 -1.37 -2.90
C LEU B 139 15.04 -1.69 -1.43
N SER B 140 14.04 -1.47 -0.58
CA SER B 140 14.16 -1.84 0.83
C SER B 140 14.48 -3.32 0.97
N SER B 141 13.72 -4.16 0.26
CA SER B 141 13.84 -5.61 0.43
C SER B 141 15.16 -6.12 -0.09
N LEU B 142 15.63 -5.60 -1.22
CA LEU B 142 16.93 -6.02 -1.74
C LEU B 142 18.04 -5.60 -0.79
N PHE B 143 17.95 -4.39 -0.24
CA PHE B 143 18.93 -3.91 0.72
C PHE B 143 18.95 -4.80 1.96
N VAL B 144 17.78 -5.16 2.47
CA VAL B 144 17.72 -6.04 3.64
C VAL B 144 18.38 -7.38 3.32
N ARG B 145 18.08 -7.94 2.16
CA ARG B 145 18.64 -9.23 1.79
C ARG B 145 20.16 -9.21 1.87
N ASP B 146 20.78 -8.14 1.38
CA ASP B 146 22.23 -8.12 1.27
C ASP B 146 22.93 -7.55 2.49
N TYR B 147 22.26 -6.69 3.27
CA TYR B 147 22.94 -5.94 4.31
C TYR B 147 22.43 -6.19 5.72
N GLU B 148 21.46 -7.08 5.89
N GLU B 148 21.47 -7.09 5.92
CA GLU B 148 20.88 -7.34 7.20
CA GLU B 148 20.89 -7.21 7.25
C GLU B 148 21.95 -7.52 8.27
C GLU B 148 21.93 -7.57 8.32
N LYS B 149 23.01 -8.26 7.95
CA LYS B 149 24.02 -8.67 8.91
C LYS B 149 25.25 -7.77 8.92
N ILE B 150 25.19 -6.63 8.24
CA ILE B 150 26.34 -5.74 8.10
C ILE B 150 26.24 -4.64 9.14
N GLU B 151 27.25 -4.54 10.00
CA GLU B 151 27.23 -3.53 11.06
C GLU B 151 27.16 -2.12 10.48
N GLY B 152 26.43 -1.26 11.17
CA GLY B 152 26.38 0.15 10.86
C GLY B 152 25.44 0.55 9.75
N THR B 153 24.67 -0.37 9.18
CA THR B 153 23.78 -0.05 8.07
C THR B 153 22.43 0.45 8.57
N GLN B 154 21.84 1.36 7.79
CA GLN B 154 20.52 1.89 8.06
C GLN B 154 19.71 2.05 6.79
N LEU B 155 18.42 1.73 6.91
CA LEU B 155 17.42 1.97 5.88
C LEU B 155 16.46 3.01 6.44
N ILE B 156 16.29 4.11 5.73
CA ILE B 156 15.37 5.17 6.14
C ILE B 156 14.35 5.38 5.03
N ASN B 157 13.09 5.12 5.33
CA ASN B 157 12.00 5.30 4.39
C ASN B 157 11.22 6.54 4.75
N ILE B 158 10.87 7.34 3.73
CA ILE B 158 10.16 8.59 3.96
C ILE B 158 8.67 8.32 3.74
N SER B 159 7.91 8.39 4.82
CA SER B 159 6.46 8.25 4.75
C SER B 159 5.85 9.65 4.79
N SER B 160 4.96 9.88 5.76
CA SER B 160 4.20 11.12 5.89
C SER B 160 3.42 11.02 7.19
N ALA B 161 3.12 12.17 7.80
CA ALA B 161 2.11 12.17 8.85
C ALA B 161 0.79 11.60 8.32
N GLY B 162 0.54 11.75 7.02
CA GLY B 162 -0.61 11.15 6.37
C GLY B 162 -0.53 9.65 6.17
N GLY B 163 0.58 9.04 6.57
CA GLY B 163 0.68 7.59 6.68
C GLY B 163 0.23 7.04 8.01
N TYR B 164 -0.21 7.92 8.91
CA TYR B 164 -0.76 7.56 10.21
C TYR B 164 -2.12 8.19 10.47
N THR B 165 -2.52 9.18 9.68
CA THR B 165 -3.81 9.82 9.77
C THR B 165 -4.31 9.99 8.34
N ILE B 166 -5.54 9.54 8.06
CA ILE B 166 -6.12 9.75 6.73
C ILE B 166 -6.53 11.21 6.60
N VAL B 167 -6.22 11.83 5.46
CA VAL B 167 -6.44 13.25 5.24
C VAL B 167 -7.42 13.43 4.08
N PRO B 168 -8.51 14.18 4.27
CA PRO B 168 -9.47 14.38 3.17
C PRO B 168 -8.78 14.96 1.95
N ASN B 169 -9.25 14.50 0.77
N ASN B 169 -9.23 14.51 0.78
CA ASN B 169 -8.74 14.90 -0.54
CA ASN B 169 -8.76 14.93 -0.54
C ASN B 169 -7.38 14.31 -0.83
C ASN B 169 -7.44 14.24 -0.87
N ALA B 170 -6.91 13.37 0.00
CA ALA B 170 -5.64 12.71 -0.21
C ALA B 170 -5.76 11.22 0.08
N VAL B 171 -6.90 10.63 -0.27
CA VAL B 171 -7.18 9.27 0.19
C VAL B 171 -6.17 8.27 -0.37
N ILE B 172 -5.93 8.29 -1.68
CA ILE B 172 -5.01 7.30 -2.26
C ILE B 172 -3.58 7.59 -1.83
N TYR B 173 -3.17 8.85 -1.85
CA TYR B 173 -1.84 9.21 -1.37
C TYR B 173 -1.63 8.73 0.07
N CYS B 174 -2.57 9.03 0.96
CA CYS B 174 -2.45 8.56 2.33
C CYS B 174 -2.32 7.05 2.38
N ALA B 175 -3.13 6.34 1.60
CA ALA B 175 -3.03 4.89 1.61
C ALA B 175 -1.64 4.41 1.21
N THR B 176 -0.99 5.08 0.24
CA THR B 176 0.38 4.70 -0.09
C THR B 176 1.30 4.89 1.11
N LYS B 177 1.07 5.94 1.90
CA LYS B 177 1.92 6.22 3.05
C LYS B 177 1.58 5.33 4.24
N PHE B 178 0.32 4.88 4.36
CA PHE B 178 0.01 3.83 5.33
C PHE B 178 0.77 2.56 4.99
N PHE B 179 0.88 2.26 3.70
CA PHE B 179 1.74 1.17 3.27
C PHE B 179 3.18 1.39 3.73
N VAL B 180 3.73 2.57 3.45
CA VAL B 180 5.14 2.81 3.77
C VAL B 180 5.36 2.70 5.27
N SER B 181 4.48 3.30 6.07
CA SER B 181 4.65 3.27 7.52
C SER B 181 4.51 1.86 8.08
N SER B 182 3.49 1.13 7.66
CA SER B 182 3.29 -0.21 8.20
C SER B 182 4.40 -1.16 7.74
N PHE B 183 4.79 -1.06 6.47
CA PHE B 183 5.90 -1.87 5.98
C PHE B 183 7.15 -1.58 6.80
N THR B 184 7.46 -0.30 7.01
CA THR B 184 8.73 0.04 7.64
C THR B 184 8.71 -0.33 9.12
N GLU B 185 7.59 -0.10 9.81
CA GLU B 185 7.51 -0.51 11.22
C GLU B 185 7.61 -2.02 11.34
N GLY B 186 6.91 -2.74 10.48
CA GLY B 186 6.98 -4.19 10.52
C GLY B 186 8.38 -4.69 10.27
N LEU B 187 9.06 -4.11 9.28
CA LEU B 187 10.42 -4.53 8.96
C LEU B 187 11.36 -4.19 10.10
N ALA B 188 11.22 -2.99 10.68
CA ALA B 188 12.09 -2.60 11.77
C ALA B 188 11.98 -3.58 12.93
N ARG B 189 10.76 -4.00 13.26
CA ARG B 189 10.53 -4.93 14.35
C ARG B 189 11.06 -6.32 14.00
N GLU B 190 10.91 -6.71 12.73
CA GLU B 190 11.46 -8.00 12.28
C GLU B 190 12.97 -8.04 12.43
N LEU B 191 13.64 -6.95 12.04
CA LEU B 191 15.09 -6.87 12.19
C LEU B 191 15.50 -6.96 13.66
N ILE B 192 14.79 -6.25 14.55
CA ILE B 192 15.11 -6.30 15.97
C ILE B 192 14.93 -7.71 16.51
N GLU B 193 13.82 -8.37 16.16
CA GLU B 193 13.55 -9.71 16.64
C GLU B 193 14.61 -10.70 16.17
N ALA B 194 15.12 -10.51 14.95
CA ALA B 194 16.12 -11.38 14.38
C ALA B 194 17.53 -11.06 14.84
N LYS B 195 17.69 -10.02 15.66
CA LYS B 195 19.00 -9.55 16.13
C LYS B 195 19.89 -9.14 14.97
N SER B 196 19.28 -8.57 13.93
CA SER B 196 20.02 -8.11 12.77
C SER B 196 20.81 -6.84 13.11
N ASN B 197 21.90 -6.64 12.36
CA ASN B 197 22.67 -5.41 12.53
C ASN B 197 21.99 -4.23 11.86
N LEU B 198 21.36 -4.47 10.70
CA LEU B 198 20.68 -3.41 9.97
C LEU B 198 19.51 -2.86 10.77
N LYS B 199 19.32 -1.54 10.71
CA LYS B 199 18.20 -0.86 11.34
C LYS B 199 17.33 -0.25 10.25
N ALA B 200 16.01 -0.27 10.46
CA ALA B 200 15.07 0.40 9.58
C ALA B 200 14.29 1.45 10.37
N LYS B 201 14.11 2.62 9.76
CA LYS B 201 13.42 3.73 10.41
C LYS B 201 12.53 4.43 9.38
N VAL B 202 11.52 5.13 9.88
CA VAL B 202 10.58 5.86 9.04
C VAL B 202 10.50 7.32 9.48
N LEU B 203 10.62 8.23 8.52
CA LEU B 203 10.40 9.67 8.75
C LEU B 203 9.02 10.02 8.22
N ALA B 204 8.27 10.78 9.03
CA ALA B 204 6.89 11.14 8.69
C ALA B 204 6.73 12.65 8.74
N PRO B 205 7.10 13.34 7.67
CA PRO B 205 6.89 14.78 7.60
C PRO B 205 5.40 15.14 7.58
N ALA B 206 5.10 16.34 8.10
CA ALA B 206 3.79 16.95 7.90
C ALA B 206 3.91 17.96 6.75
N ALA B 207 3.21 19.08 6.82
CA ALA B 207 3.30 20.02 5.70
C ALA B 207 4.70 20.58 5.56
N THR B 208 5.16 20.67 4.32
CA THR B 208 6.43 21.30 4.00
C THR B 208 6.20 22.30 2.86
N GLU B 209 7.27 23.00 2.50
CA GLU B 209 7.19 24.03 1.47
C GLU B 209 6.82 23.47 0.11
N THR B 210 7.11 22.19 -0.15
CA THR B 210 6.79 21.61 -1.46
C THR B 210 5.29 21.39 -1.65
N GLU B 211 4.46 21.71 -0.66
CA GLU B 211 3.02 21.48 -0.75
C GLU B 211 2.25 22.79 -0.76
N GLN B 225 -1.37 33.55 2.07
CA GLN B 225 -1.70 32.15 2.31
C GLN B 225 -0.67 31.50 3.24
N GLU B 226 0.57 31.37 2.75
CA GLU B 226 1.62 30.74 3.53
C GLU B 226 1.74 31.33 4.93
N LYS B 227 1.51 32.64 5.05
CA LYS B 227 1.81 33.30 6.32
C LYS B 227 0.88 32.90 7.44
N PHE B 228 -0.24 32.23 7.16
CA PHE B 228 -1.17 31.81 8.20
C PHE B 228 -1.03 30.34 8.56
N HIS B 229 -0.19 29.58 7.86
CA HIS B 229 -0.17 28.13 8.02
C HIS B 229 1.25 27.64 8.21
N LYS B 230 1.47 26.88 9.28
CA LYS B 230 2.79 26.36 9.59
C LYS B 230 3.21 25.31 8.58
N TYR B 231 4.51 25.26 8.32
CA TYR B 231 5.13 24.22 7.51
C TYR B 231 6.60 24.16 7.85
N HIS B 232 7.21 23.03 7.53
CA HIS B 232 8.66 22.89 7.63
C HIS B 232 9.28 23.09 6.25
N THR B 233 10.46 23.70 6.23
CA THR B 233 11.21 23.77 4.99
C THR B 233 11.88 22.42 4.74
N SER B 234 12.30 22.21 3.49
CA SER B 234 13.00 20.98 3.17
C SER B 234 14.29 20.86 3.96
N LYS B 235 14.96 21.98 4.21
CA LYS B 235 16.18 21.96 5.02
C LYS B 235 15.87 21.50 6.44
N GLN B 236 14.79 22.02 7.03
CA GLN B 236 14.40 21.55 8.36
C GLN B 236 14.08 20.07 8.37
N MSE B 237 13.40 19.57 7.35
N MSE B 237 13.43 19.56 7.32
CA MSE B 237 13.07 18.15 7.29
CA MSE B 237 13.08 18.16 7.30
C MSE B 237 14.33 17.29 7.19
C MSE B 237 14.31 17.28 7.15
O MSE B 237 14.42 16.24 7.81
O MSE B 237 14.37 16.18 7.71
CB MSE B 237 12.14 17.81 6.12
CB MSE B 237 12.09 17.88 6.17
CG MSE B 237 10.69 18.28 6.29
CG MSE B 237 11.44 16.51 6.27
SE MSE B 237 9.79 17.72 7.95
SE MSE B 237 10.64 16.17 8.01
CE MSE B 237 10.56 15.94 8.18
CE MSE B 237 9.59 17.80 8.23
H MSE B 237 13.11 20.03 6.68
H MSE B 237 13.19 20.02 6.63
HA MSE B 237 12.59 17.93 8.11
HA MSE B 237 12.63 17.93 8.13
HB2 MSE B 237 12.49 18.24 5.33
HB2 MSE B 237 11.39 18.54 6.19
HB3 MSE B 237 12.12 16.86 6.00
HB3 MSE B 237 12.56 17.92 5.32
HG2 MSE B 237 10.68 19.25 6.27
HG2 MSE B 237 10.75 16.45 5.60
HG3 MSE B 237 10.18 17.93 5.55
HG3 MSE B 237 12.12 15.83 6.11
HE1 MSE B 237 10.07 15.48 8.89
HE1 MSE B 237 9.19 17.80 9.11
HE2 MSE B 237 10.48 15.45 7.36
HE2 MSE B 237 10.18 18.56 8.12
HE3 MSE B 237 11.49 16.03 8.42
HE3 MSE B 237 8.90 17.80 7.55
N ALA B 238 15.30 17.75 6.40
CA ALA B 238 16.56 17.01 6.30
C ALA B 238 17.26 16.97 7.65
N GLU B 239 17.17 18.06 8.42
CA GLU B 239 17.71 18.06 9.78
C GLU B 239 17.01 17.02 10.65
N PHE B 240 15.68 16.91 10.53
CA PHE B 240 14.96 15.88 11.27
C PHE B 240 15.37 14.49 10.81
N LEU B 241 15.63 14.32 9.51
CA LEU B 241 16.11 13.05 8.99
C LEU B 241 17.45 12.67 9.63
N ILE B 242 18.37 13.65 9.75
CA ILE B 242 19.64 13.38 10.42
C ILE B 242 19.41 13.00 11.88
N LYS B 243 18.48 13.69 12.55
N LYS B 243 18.49 13.69 12.56
CA LYS B 243 18.18 13.34 13.93
CA LYS B 243 18.17 13.33 13.93
C LYS B 243 17.67 11.90 14.03
C LYS B 243 17.69 11.89 14.02
N LEU B 244 16.80 11.49 13.10
CA LEU B 244 16.33 10.11 13.08
C LEU B 244 17.49 9.15 12.89
N TYR B 245 18.36 9.45 11.91
CA TYR B 245 19.54 8.64 11.65
C TYR B 245 20.41 8.49 12.90
N ASP B 246 20.59 9.58 13.64
CA ASP B 246 21.54 9.59 14.76
C ASP B 246 21.01 8.90 16.01
N ASN B 247 19.71 8.72 16.13
CA ASN B 247 19.11 8.27 17.38
C ASN B 247 18.58 6.84 17.24
N ASP B 248 18.03 6.34 18.34
CA ASP B 248 17.71 4.93 18.53
C ASP B 248 16.21 4.66 18.49
N TYR B 249 15.48 5.43 17.69
CA TYR B 249 14.03 5.29 17.58
C TYR B 249 13.64 4.95 16.14
N ILE B 250 12.57 4.17 16.02
CA ILE B 250 12.13 3.71 14.71
C ILE B 250 11.38 4.80 13.94
N VAL B 251 10.64 5.66 14.64
CA VAL B 251 9.75 6.64 14.00
C VAL B 251 10.21 8.04 14.34
N GLY B 252 10.33 8.88 13.33
CA GLY B 252 10.50 10.31 13.53
C GLY B 252 9.33 11.00 12.87
N LYS B 253 8.42 11.58 13.65
CA LYS B 253 7.15 12.05 13.12
C LYS B 253 6.88 13.48 13.54
N VAL B 254 6.37 14.26 12.59
CA VAL B 254 5.90 15.61 12.87
C VAL B 254 4.41 15.53 13.20
N ASP B 255 4.03 16.05 14.35
CA ASP B 255 2.62 16.12 14.69
C ASP B 255 1.92 17.11 13.77
N ARG B 256 0.84 16.65 13.15
CA ARG B 256 0.11 17.46 12.17
C ARG B 256 -0.43 18.74 12.79
N ASN B 257 -0.69 18.74 14.10
CA ASN B 257 -1.33 19.87 14.76
C ASN B 257 -0.31 20.87 15.30
N SER B 258 0.67 20.39 16.08
CA SER B 258 1.64 21.26 16.71
C SER B 258 2.88 21.49 15.87
N PHE B 259 3.14 20.65 14.86
CA PHE B 259 4.36 20.69 14.06
C PHE B 259 5.61 20.37 14.88
N LYS B 260 5.43 19.77 16.04
CA LYS B 260 6.55 19.28 16.83
C LYS B 260 7.05 17.97 16.23
N PHE B 261 8.36 17.88 16.04
CA PHE B 261 9.00 16.65 15.60
C PHE B 261 9.38 15.82 16.82
N THR B 262 8.97 14.56 16.83
CA THR B 262 9.21 13.67 17.96
C THR B 262 9.75 12.34 17.45
N LEU B 263 10.85 11.90 18.05
CA LEU B 263 11.33 10.53 17.90
C LEU B 263 10.52 9.63 18.83
N GLN B 264 10.03 8.51 18.28
CA GLN B 264 9.11 7.68 19.04
C GLN B 264 9.17 6.24 18.56
N ASN B 265 8.54 5.37 19.34
CA ASN B 265 8.46 3.96 19.02
C ASN B 265 7.36 3.72 17.99
N PRO B 266 7.30 2.53 17.42
CA PRO B 266 6.27 2.23 16.41
C PRO B 266 4.86 2.52 16.91
N ILE B 267 4.02 2.99 16.00
CA ILE B 267 2.67 3.47 16.30
C ILE B 267 1.62 2.40 16.07
N PHE B 268 1.75 1.59 15.02
CA PHE B 268 0.67 0.68 14.66
C PHE B 268 0.62 -0.53 15.59
N ASP B 269 -0.58 -1.07 15.76
N ASP B 269 -0.58 -1.06 15.79
CA ASP B 269 -0.79 -2.31 16.52
CA ASP B 269 -0.74 -2.28 16.56
C ASP B 269 0.02 -3.44 15.90
C ASP B 269 0.06 -3.42 15.92
N TYR B 270 0.53 -4.34 16.76
CA TYR B 270 1.44 -5.39 16.33
C TYR B 270 1.13 -6.65 17.11
N ALA B 271 1.10 -7.78 16.41
CA ALA B 271 0.73 -9.06 17.04
C ALA B 271 1.92 -9.78 17.65
PA NAP C . -8.27 -17.97 -2.12
O1A NAP C . -9.11 -19.22 -1.98
O2A NAP C . -6.83 -18.20 -2.51
O5B NAP C . -9.02 -17.00 -3.19
C5B NAP C . -8.30 -16.00 -3.88
C4B NAP C . -9.09 -15.72 -5.18
O4B NAP C . -8.43 -14.82 -5.91
C3B NAP C . -9.18 -17.01 -6.02
O3B NAP C . -10.41 -17.06 -6.66
C2B NAP C . -8.02 -16.70 -7.03
O2B NAP C . -8.45 -17.56 -8.15
C1B NAP C . -8.19 -15.40 -7.18
N9A NAP C . -7.12 -14.74 -7.93
C8A NAP C . -5.92 -15.00 -7.35
N7A NAP C . -4.97 -14.42 -8.11
C5A NAP C . -5.61 -13.80 -9.12
C6A NAP C . -5.19 -13.05 -10.19
N6A NAP C . -3.87 -12.66 -10.60
N1A NAP C . -6.07 -12.55 -11.07
C2A NAP C . -7.38 -12.80 -10.90
N3A NAP C . -7.80 -13.51 -9.86
C4A NAP C . -6.92 -14.01 -9.00
O3 NAP C . -8.18 -17.17 -0.70
PN NAP C . -9.33 -16.34 0.11
O1N NAP C . -9.03 -16.69 1.53
O2N NAP C . -10.72 -16.71 -0.36
O5D NAP C . -8.96 -14.77 -0.14
C5D NAP C . -9.91 -13.83 -0.58
C4D NAP C . -9.51 -12.45 -0.05
O4D NAP C . -9.64 -12.49 1.38
C3D NAP C . -8.28 -12.07 -0.35
O3D NAP C . -8.19 -10.57 -0.54
C2D NAP C . -7.40 -12.37 0.88
O2D NAP C . -6.33 -11.55 1.06
C1D NAP C . -8.50 -12.14 1.95
N1N NAP C . -8.25 -12.96 3.14
C2N NAP C . -7.41 -12.51 4.10
C3N NAP C . -7.17 -13.30 5.21
C7N NAP C . -6.20 -12.77 6.25
O7N NAP C . -5.50 -11.83 6.02
N7N NAP C . -6.11 -13.49 7.49
C4N NAP C . -7.79 -14.49 5.34
C5N NAP C . -8.64 -14.93 4.37
C6N NAP C . -8.86 -14.15 3.25
P2B NAP C . -7.54 -17.94 -9.45
O1X NAP C . -6.28 -18.63 -8.98
O2X NAP C . -7.19 -16.70 -10.24
O3X NAP C . -8.48 -18.84 -10.23
H51A NAP C . -8.24 -15.10 -3.27
H52A NAP C . -7.30 -16.35 -4.11
H4B NAP C . -10.09 -15.34 -4.98
H3B NAP C . -9.06 -17.93 -5.48
HO3A NAP C . -10.29 -17.20 -7.58
H2B NAP C . -6.98 -16.85 -6.77
H1B NAP C . -9.09 -15.29 -7.77
H8A NAP C . -5.75 -15.58 -6.45
H61A NAP C . -3.56 -12.85 -11.53
H62A NAP C . -3.27 -12.22 -9.94
H2A NAP C . -8.10 -12.40 -11.63
H51N NAP C . -10.90 -14.10 -0.21
H52N NAP C . -9.92 -13.81 -1.66
H4D NAP C . -10.13 -11.68 -0.49
H3D NAP C . -8.00 -12.63 -1.22
HO3N NAP C . -8.43 -10.34 -1.41
H2D NAP C . -6.95 -13.35 0.86
HO2N NAP C . -6.00 -11.27 0.22
H1D NAP C . -8.54 -11.09 2.22
H2N NAP C . -6.93 -11.55 3.99
H71N NAP C . -5.46 -13.20 8.20
H72N NAP C . -6.70 -14.29 7.63
H4N NAP C . -7.60 -15.10 6.21
H5N NAP C . -9.13 -15.89 4.48
H6N NAP C . -9.54 -14.49 2.48
C1 EDO D . -16.25 10.39 -4.28
O1 EDO D . -15.04 10.82 -4.89
C2 EDO D . -17.02 11.58 -3.69
O2 EDO D . -17.42 12.47 -4.73
H11 EDO D . -16.03 9.67 -3.49
H12 EDO D . -16.89 9.90 -5.02
HO1 EDO D . -14.53 10.05 -5.18
H21 EDO D . -17.90 11.21 -3.15
H22 EDO D . -16.39 12.10 -2.97
HO2 EDO D . -17.90 13.22 -4.34
PA NAP E . 9.87 16.88 -4.17
O1A NAP E . 10.62 18.19 -4.04
O2A NAP E . 8.88 16.83 -5.30
O5B NAP E . 10.94 15.66 -4.35
C5B NAP E . 10.55 14.45 -4.93
C4B NAP E . 11.86 13.77 -5.43
O4B NAP E . 11.58 12.59 -5.99
C3B NAP E . 12.51 14.65 -6.51
O3B NAP E . 13.87 14.59 -6.49
C2B NAP E . 11.95 13.89 -7.76
O2B NAP E . 12.95 14.30 -8.78
C1B NAP E . 11.99 12.64 -7.34
N9A NAP E . 11.30 11.68 -8.21
C8A NAP E . 10.01 12.00 -8.44
N7A NAP E . 9.52 11.10 -9.30
C5A NAP E . 10.51 10.23 -9.56
C6A NAP E . 10.63 9.11 -10.33
N6A NAP E . 9.63 8.51 -11.17
N1A NAP E . 11.76 8.45 -10.43
C2A NAP E . 12.85 8.85 -9.73
N3A NAP E . 12.77 9.95 -8.95
C4A NAP E . 11.60 10.60 -8.90
O3 NAP E . 9.02 16.58 -2.81
PN NAP E . 9.55 16.28 -1.31
O1N NAP E . 8.65 17.14 -0.46
O2N NAP E . 11.03 16.56 -1.15
O5D NAP E . 9.20 14.69 -1.12
C5D NAP E . 10.12 13.74 -0.65
C4D NAP E . 9.34 12.63 0.09
O4D NAP E . 8.76 13.24 1.25
C3D NAP E . 8.39 12.06 -0.62
O3D NAP E . 8.28 10.60 -0.25
C2D NAP E . 7.05 12.69 -0.20
O2D NAP E . 5.96 11.89 -0.29
C1D NAP E . 7.46 12.97 1.26
N1N NAP E . 6.72 14.11 1.81
C2N NAP E . 5.53 13.94 2.40
C3N NAP E . 4.86 15.04 2.90
C7N NAP E . 3.50 14.80 3.55
O7N NAP E . 2.83 13.88 3.19
N7N NAP E . 3.04 15.76 4.52
C4N NAP E . 5.39 16.29 2.79
C5N NAP E . 6.60 16.45 2.20
C6N NAP E . 7.26 15.35 1.68
P2B NAP E . 12.81 14.09 -10.38
O1X NAP E . 11.59 14.84 -10.83
O2X NAP E . 12.70 12.63 -10.70
O3X NAP E . 14.10 14.72 -10.91
H51A NAP E . 9.87 14.64 -5.76
H52A NAP E . 10.06 13.82 -4.20
H4B NAP E . 12.56 13.61 -4.62
H3B NAP E . 12.25 15.70 -6.45
HO3A NAP E . 14.23 15.27 -7.05
H2B NAP E . 10.94 14.03 -8.10
H1B NAP E . 13.03 12.34 -7.36
H8A NAP E . 9.48 12.85 -8.01
H61A NAP E . 9.45 7.53 -11.12
H62A NAP E . 9.12 9.09 -11.80
H2A NAP E . 13.78 8.30 -9.79
H51N NAP E . 10.81 14.21 0.05
H52N NAP E . 10.67 13.31 -1.47
H4D NAP E . 9.99 11.80 0.34
H3D NAP E . 8.60 12.24 -1.67
HO3N NAP E . 8.87 10.07 -0.75
H2D NAP E . 6.76 13.56 -0.78
HO2N NAP E . 6.06 11.31 -1.02
H1D NAP E . 7.28 12.08 1.85
H2N NAP E . 5.10 12.95 2.48
H71N NAP E . 3.64 16.52 4.77
H72N NAP E . 2.14 15.65 4.97
H4N NAP E . 4.86 17.13 3.18
H5N NAP E . 7.04 17.43 2.12
H6N NAP E . 8.22 15.48 1.19
C1 EDO F . 15.31 -10.25 9.47
O1 EDO F . 15.99 -11.47 9.16
C2 EDO F . 15.05 -9.48 8.19
O2 EDO F . 14.19 -10.19 7.29
H11 EDO F . 14.37 -10.48 9.97
H12 EDO F . 15.92 -9.66 10.15
HO1 EDO F . 16.14 -11.98 9.96
H21 EDO F . 14.59 -8.52 8.44
H22 EDO F . 16.00 -9.27 7.69
HO2 EDO F . 13.98 -9.63 6.53
#